data_3MRA
#
_entry.id   3MRA
#
_cell.length_a   1.000
_cell.length_b   1.000
_cell.length_c   1.000
_cell.angle_alpha   90.00
_cell.angle_beta   90.00
_cell.angle_gamma   90.00
#
_symmetry.space_group_name_H-M   'P 1'
#
_entity_poly.entity_id   1
_entity_poly.type   'polypeptide(L)'
_entity_poly.pdbx_seq_one_letter_code
;YMLFTMIFVISSIIITVVVINTHHR
;
_entity_poly.pdbx_strand_id   A
#
# COMPACT_ATOMS: atom_id res chain seq x y z
N TYR A 1 14.37 5.55 -6.96
CA TYR A 1 15.76 5.12 -7.08
C TYR A 1 15.88 3.63 -6.75
N MET A 2 14.75 2.95 -6.75
CA MET A 2 14.73 1.52 -7.01
C MET A 2 15.23 0.74 -5.79
N LEU A 3 15.05 1.35 -4.62
CA LEU A 3 15.04 0.60 -3.38
C LEU A 3 14.08 1.26 -2.39
N PHE A 4 14.60 2.21 -1.64
CA PHE A 4 13.81 2.91 -0.64
C PHE A 4 12.51 3.43 -1.24
N THR A 5 12.62 3.97 -2.45
CA THR A 5 11.50 4.62 -3.09
C THR A 5 10.30 3.67 -3.18
N MET A 6 10.61 2.40 -3.34
CA MET A 6 9.58 1.41 -3.59
C MET A 6 8.59 1.33 -2.41
N ILE A 7 9.11 1.64 -1.23
CA ILE A 7 8.32 1.54 -0.02
C ILE A 7 7.07 2.43 -0.15
N PHE A 8 7.22 3.48 -0.95
CA PHE A 8 6.13 4.42 -1.17
C PHE A 8 4.95 3.72 -1.84
N VAL A 9 5.27 2.77 -2.69
CA VAL A 9 4.25 2.01 -3.40
C VAL A 9 3.74 0.88 -2.52
N ILE A 10 4.65 0.35 -1.71
CA ILE A 10 4.28 -0.63 -0.71
C ILE A 10 3.19 -0.05 0.19
N SER A 11 3.43 1.18 0.63
CA SER A 11 2.50 1.86 1.51
C SER A 11 1.11 1.89 0.87
N SER A 12 1.10 2.06 -0.45
CA SER A 12 -0.15 2.29 -1.17
C SER A 12 -0.87 0.98 -1.39
N ILE A 13 -0.09 -0.06 -1.65
CA ILE A 13 -0.63 -1.39 -1.82
C ILE A 13 -1.38 -1.80 -0.54
N ILE A 14 -0.68 -1.66 0.58
CA ILE A 14 -1.25 -2.05 1.86
C ILE A 14 -2.52 -1.21 2.12
N ILE A 15 -2.36 0.09 2.02
CA ILE A 15 -3.43 1.00 2.39
C ILE A 15 -4.64 0.75 1.49
N THR A 16 -4.36 0.42 0.24
CA THR A 16 -5.41 0.13 -0.72
C THR A 16 -6.20 -1.11 -0.29
N VAL A 17 -5.46 -2.14 0.07
CA VAL A 17 -6.08 -3.38 0.54
C VAL A 17 -6.81 -3.11 1.85
N VAL A 18 -6.31 -2.12 2.58
CA VAL A 18 -6.85 -1.80 3.89
C VAL A 18 -8.18 -1.05 3.73
N VAL A 19 -8.22 -0.22 2.70
CA VAL A 19 -9.46 0.44 2.32
C VAL A 19 -10.50 -0.61 1.94
N ILE A 20 -10.13 -1.45 0.99
CA ILE A 20 -11.06 -2.44 0.46
C ILE A 20 -11.58 -3.30 1.61
N ASN A 21 -10.73 -3.49 2.60
CA ASN A 21 -11.06 -4.34 3.74
C ASN A 21 -12.06 -3.60 4.63
N THR A 22 -11.77 -2.32 4.85
CA THR A 22 -12.58 -1.52 5.76
C THR A 22 -13.99 -1.34 5.21
N HIS A 23 -14.07 -1.25 3.89
CA HIS A 23 -15.34 -1.04 3.23
C HIS A 23 -16.06 -2.40 3.08
N HIS A 24 -15.36 -3.32 2.42
CA HIS A 24 -15.92 -4.64 2.19
C HIS A 24 -15.34 -5.62 3.21
N ARG A 25 -15.88 -5.55 4.42
CA ARG A 25 -15.51 -6.51 5.47
C ARG A 25 -15.89 -7.93 5.03
N TYR A 1 -10.98 13.46 -11.98
CA TYR A 1 -9.60 13.03 -12.09
C TYR A 1 -9.52 11.53 -12.37
N MET A 2 -10.11 10.76 -11.46
CA MET A 2 -10.26 9.33 -11.69
C MET A 2 -8.96 8.58 -11.40
N LEU A 3 -7.94 8.92 -12.18
CA LEU A 3 -6.63 8.29 -12.03
C LEU A 3 -6.29 8.19 -10.55
N PHE A 4 -6.63 9.25 -9.82
CA PHE A 4 -6.10 9.44 -8.48
C PHE A 4 -6.60 8.34 -7.53
N THR A 5 -7.74 7.77 -7.90
CA THR A 5 -8.33 6.72 -7.08
C THR A 5 -7.33 5.60 -6.84
N MET A 6 -6.47 5.39 -7.83
CA MET A 6 -5.54 4.28 -7.79
C MET A 6 -4.62 4.38 -6.58
N ILE A 7 -4.37 5.61 -6.16
CA ILE A 7 -3.44 5.86 -5.08
C ILE A 7 -3.92 5.12 -3.82
N PHE A 8 -5.22 4.93 -3.75
CA PHE A 8 -5.82 4.24 -2.61
C PHE A 8 -5.32 2.79 -2.53
N VAL A 9 -5.09 2.21 -3.69
CA VAL A 9 -4.61 0.84 -3.77
C VAL A 9 -3.10 0.83 -3.60
N ILE A 10 -2.46 1.87 -4.10
CA ILE A 10 -1.04 2.07 -3.88
C ILE A 10 -0.75 2.07 -2.38
N SER A 11 -1.57 2.82 -1.65
CA SER A 11 -1.41 2.93 -0.21
C SER A 11 -1.42 1.53 0.42
N SER A 12 -2.27 0.67 -0.15
CA SER A 12 -2.53 -0.63 0.46
C SER A 12 -1.41 -1.60 0.11
N ILE A 13 -0.91 -1.47 -1.10
CA ILE A 13 0.22 -2.28 -1.54
C ILE A 13 1.42 -2.02 -0.63
N ILE A 14 1.73 -0.75 -0.45
CA ILE A 14 2.87 -0.36 0.37
C ILE A 14 2.66 -0.87 1.79
N ILE A 15 1.51 -0.53 2.35
CA ILE A 15 1.25 -0.80 3.75
C ILE A 15 1.27 -2.32 3.98
N THR A 16 0.80 -3.04 2.98
CA THR A 16 0.78 -4.50 3.05
C THR A 16 2.20 -5.05 3.12
N VAL A 17 3.05 -4.52 2.25
CA VAL A 17 4.44 -4.93 2.23
C VAL A 17 5.12 -4.47 3.53
N VAL A 18 4.58 -3.41 4.09
CA VAL A 18 5.17 -2.83 5.28
C VAL A 18 4.81 -3.67 6.50
N VAL A 19 3.59 -4.21 6.46
CA VAL A 19 3.17 -5.17 7.47
C VAL A 19 4.09 -6.40 7.41
N ILE A 20 4.15 -6.99 6.23
CA ILE A 20 4.90 -8.22 6.05
C ILE A 20 6.34 -8.02 6.51
N ASN A 21 6.81 -6.79 6.33
CA ASN A 21 8.18 -6.45 6.66
C ASN A 21 8.32 -6.36 8.18
N THR A 22 7.33 -5.71 8.79
CA THR A 22 7.39 -5.46 10.23
C THR A 22 7.30 -6.78 11.00
N HIS A 23 6.53 -7.72 10.44
CA HIS A 23 6.35 -9.01 11.07
C HIS A 23 7.53 -9.92 10.74
N HIS A 24 7.75 -10.10 9.45
CA HIS A 24 8.83 -10.95 8.99
C HIS A 24 10.03 -10.08 8.57
N ARG A 25 10.75 -9.62 9.57
CA ARG A 25 11.98 -8.89 9.33
C ARG A 25 12.99 -9.78 8.59
N TYR A 1 -16.61 -11.08 -4.33
CA TYR A 1 -15.22 -11.52 -4.44
C TYR A 1 -14.63 -11.82 -3.06
N MET A 2 -13.37 -12.22 -3.08
CA MET A 2 -12.65 -12.52 -1.85
C MET A 2 -11.19 -12.11 -1.95
N LEU A 3 -10.56 -12.56 -3.03
CA LEU A 3 -9.24 -12.07 -3.38
C LEU A 3 -9.19 -10.55 -3.18
N PHE A 4 -10.34 -9.93 -3.35
CA PHE A 4 -10.42 -8.48 -3.25
C PHE A 4 -9.79 -7.98 -1.96
N THR A 5 -9.98 -8.76 -0.90
CA THR A 5 -9.54 -8.35 0.42
C THR A 5 -8.05 -7.98 0.39
N MET A 6 -7.31 -8.69 -0.43
CA MET A 6 -5.86 -8.56 -0.45
C MET A 6 -5.45 -7.15 -0.85
N ILE A 7 -6.29 -6.52 -1.66
CA ILE A 7 -5.99 -5.20 -2.18
C ILE A 7 -5.77 -4.23 -1.02
N PHE A 8 -6.40 -4.57 0.11
CA PHE A 8 -6.28 -3.74 1.29
C PHE A 8 -4.83 -3.68 1.78
N VAL A 9 -4.13 -4.79 1.61
CA VAL A 9 -2.76 -4.90 2.06
C VAL A 9 -1.82 -4.35 0.98
N ILE A 10 -2.20 -4.63 -0.26
CA ILE A 10 -1.50 -4.04 -1.40
C ILE A 10 -1.47 -2.52 -1.24
N SER A 11 -2.63 -1.97 -0.88
CA SER A 11 -2.76 -0.54 -0.72
C SER A 11 -1.72 -0.02 0.28
N SER A 12 -1.48 -0.84 1.30
CA SER A 12 -0.66 -0.40 2.42
C SER A 12 0.82 -0.54 2.08
N ILE A 13 1.12 -1.58 1.31
CA ILE A 13 2.48 -1.77 0.82
C ILE A 13 2.90 -0.56 -0.02
N ILE A 14 2.05 -0.23 -0.98
CA ILE A 14 2.34 0.88 -1.87
C ILE A 14 2.49 2.17 -1.05
N ILE A 15 1.48 2.43 -0.25
CA ILE A 15 1.40 3.70 0.48
C ILE A 15 2.60 3.81 1.42
N THR A 16 3.00 2.67 1.97
CA THR A 16 4.14 2.63 2.86
C THR A 16 5.42 3.02 2.12
N VAL A 17 5.59 2.44 0.95
CA VAL A 17 6.74 2.74 0.12
C VAL A 17 6.66 4.20 -0.35
N VAL A 18 5.44 4.68 -0.44
CA VAL A 18 5.20 6.03 -0.93
C VAL A 18 5.56 7.04 0.16
N VAL A 19 5.27 6.66 1.40
CA VAL A 19 5.67 7.45 2.55
C VAL A 19 7.20 7.54 2.57
N ILE A 20 7.83 6.37 2.60
CA ILE A 20 9.28 6.31 2.74
C ILE A 20 9.93 7.15 1.65
N ASN A 21 9.27 7.18 0.49
CA ASN A 21 9.84 7.84 -0.67
C ASN A 21 9.79 9.35 -0.48
N THR A 22 8.62 9.83 -0.08
CA THR A 22 8.37 11.26 -0.02
C THR A 22 8.92 11.84 1.28
N HIS A 23 9.31 10.95 2.18
CA HIS A 23 10.06 11.33 3.35
C HIS A 23 11.54 11.47 2.99
N HIS A 24 11.95 10.69 2.00
CA HIS A 24 13.35 10.63 1.63
C HIS A 24 13.60 11.51 0.40
N ARG A 25 13.54 12.81 0.62
CA ARG A 25 13.81 13.76 -0.44
C ARG A 25 13.76 15.20 0.10
N TYR A 1 -19.17 4.54 11.76
CA TYR A 1 -17.78 4.10 11.65
C TYR A 1 -17.29 4.25 10.21
N MET A 2 -15.96 4.22 10.07
CA MET A 2 -15.34 4.30 8.76
C MET A 2 -13.98 3.61 8.76
N LEU A 3 -14.02 2.29 8.91
CA LEU A 3 -12.82 1.48 8.78
C LEU A 3 -12.08 1.88 7.49
N PHE A 4 -12.84 2.42 6.54
CA PHE A 4 -12.46 2.33 5.15
C PHE A 4 -11.26 3.22 4.85
N THR A 5 -11.10 4.24 5.68
CA THR A 5 -9.99 5.17 5.52
C THR A 5 -8.65 4.40 5.47
N MET A 6 -8.61 3.31 6.21
CA MET A 6 -7.38 2.55 6.35
C MET A 6 -6.88 2.04 5.00
N ILE A 7 -7.84 1.80 4.11
CA ILE A 7 -7.52 1.23 2.81
C ILE A 7 -6.54 2.15 2.08
N PHE A 8 -6.61 3.43 2.42
CA PHE A 8 -5.73 4.41 1.82
C PHE A 8 -4.27 4.12 2.15
N VAL A 9 -4.06 3.60 3.36
CA VAL A 9 -2.71 3.27 3.81
C VAL A 9 -2.33 1.88 3.28
N ILE A 10 -3.34 1.03 3.17
CA ILE A 10 -3.15 -0.27 2.54
C ILE A 10 -2.59 -0.07 1.12
N SER A 11 -3.23 0.84 0.40
CA SER A 11 -2.82 1.12 -0.96
C SER A 11 -1.33 1.49 -1.00
N SER A 12 -0.92 2.20 0.03
CA SER A 12 0.43 2.78 0.05
C SER A 12 1.45 1.71 0.41
N ILE A 13 1.06 0.84 1.33
CA ILE A 13 1.90 -0.26 1.72
C ILE A 13 2.21 -1.13 0.50
N ILE A 14 1.15 -1.51 -0.20
CA ILE A 14 1.28 -2.39 -1.35
C ILE A 14 2.17 -1.72 -2.40
N ILE A 15 1.76 -0.53 -2.80
CA ILE A 15 2.40 0.17 -3.90
C ILE A 15 3.88 0.41 -3.56
N THR A 16 4.10 0.68 -2.28
CA THR A 16 5.46 0.91 -1.79
C THR A 16 6.32 -0.34 -2.00
N VAL A 17 5.75 -1.47 -1.60
CA VAL A 17 6.44 -2.73 -1.73
C VAL A 17 6.60 -3.08 -3.22
N VAL A 18 5.65 -2.56 -4.00
CA VAL A 18 5.63 -2.88 -5.42
C VAL A 18 6.71 -2.08 -6.14
N VAL A 19 6.93 -0.86 -5.66
CA VAL A 19 8.04 -0.05 -6.12
C VAL A 19 9.35 -0.75 -5.79
N ILE A 20 9.52 -1.06 -4.51
CA ILE A 20 10.76 -1.66 -4.04
C ILE A 20 11.06 -2.91 -4.88
N ASN A 21 9.99 -3.58 -5.29
CA ASN A 21 10.12 -4.84 -6.00
C ASN A 21 10.58 -4.55 -7.43
N THR A 22 9.80 -3.72 -8.12
CA THR A 22 9.97 -3.56 -9.55
C THR A 22 11.23 -2.76 -9.86
N HIS A 23 11.69 -2.03 -8.85
CA HIS A 23 12.88 -1.21 -9.00
C HIS A 23 14.12 -2.09 -8.94
N HIS A 24 14.08 -3.06 -8.05
CA HIS A 24 15.26 -3.84 -7.72
C HIS A 24 15.23 -5.17 -8.47
N ARG A 25 14.04 -5.51 -8.95
CA ARG A 25 13.81 -6.84 -9.50
C ARG A 25 12.39 -6.94 -10.06
N TYR A 1 0.88 -15.74 -10.10
CA TYR A 1 2.26 -16.18 -10.22
C TYR A 1 3.17 -15.02 -10.61
N MET A 2 2.56 -14.02 -11.24
CA MET A 2 3.32 -12.87 -11.70
C MET A 2 3.59 -11.90 -10.55
N LEU A 3 4.88 -11.66 -10.33
CA LEU A 3 5.29 -10.69 -9.33
C LEU A 3 4.40 -9.45 -9.43
N PHE A 4 3.94 -9.19 -10.65
CA PHE A 4 3.15 -8.00 -10.91
C PHE A 4 1.98 -7.90 -9.92
N THR A 5 1.34 -9.05 -9.69
CA THR A 5 0.16 -9.09 -8.85
C THR A 5 0.46 -8.45 -7.49
N MET A 6 1.67 -8.69 -7.01
CA MET A 6 2.04 -8.26 -5.67
C MET A 6 1.96 -6.74 -5.54
N ILE A 7 2.18 -6.06 -6.66
CA ILE A 7 2.20 -4.61 -6.66
C ILE A 7 0.85 -4.08 -6.16
N PHE A 8 -0.18 -4.88 -6.40
CA PHE A 8 -1.52 -4.52 -5.96
C PHE A 8 -1.57 -4.32 -4.44
N VAL A 9 -0.75 -5.11 -3.75
CA VAL A 9 -0.69 -5.02 -2.30
C VAL A 9 0.32 -3.95 -1.90
N ILE A 10 1.36 -3.83 -2.71
CA ILE A 10 2.34 -2.77 -2.51
C ILE A 10 1.63 -1.42 -2.48
N SER A 11 0.72 -1.24 -3.42
CA SER A 11 -0.02 0.00 -3.52
C SER A 11 -0.71 0.31 -2.19
N SER A 12 -1.20 -0.76 -1.56
CA SER A 12 -2.05 -0.61 -0.39
C SER A 12 -1.20 -0.36 0.85
N ILE A 13 -0.04 -0.99 0.87
CA ILE A 13 0.91 -0.78 1.94
C ILE A 13 1.31 0.71 1.98
N ILE A 14 1.72 1.20 0.82
CA ILE A 14 2.15 2.59 0.72
C ILE A 14 1.00 3.51 1.13
N ILE A 15 -0.14 3.30 0.50
CA ILE A 15 -1.27 4.19 0.68
C ILE A 15 -1.70 4.18 2.15
N THR A 16 -1.59 3.00 2.74
CA THR A 16 -1.96 2.84 4.14
C THR A 16 -1.05 3.69 5.03
N VAL A 17 0.25 3.59 4.76
CA VAL A 17 1.23 4.35 5.51
C VAL A 17 1.05 5.84 5.21
N VAL A 18 0.51 6.11 4.03
CA VAL A 18 0.34 7.49 3.59
C VAL A 18 -0.86 8.10 4.31
N VAL A 19 -1.87 7.27 4.52
CA VAL A 19 -3.03 7.69 5.30
C VAL A 19 -2.59 8.00 6.73
N ILE A 20 -1.98 7.00 7.36
CA ILE A 20 -1.61 7.10 8.76
C ILE A 20 -0.78 8.37 8.97
N ASN A 21 0.01 8.70 7.95
CA ASN A 21 0.93 9.81 8.05
C ASN A 21 0.15 11.12 8.19
N THR A 22 -0.87 11.25 7.36
CA THR A 22 -1.63 12.49 7.29
C THR A 22 -2.69 12.52 8.39
N HIS A 23 -3.11 11.34 8.81
CA HIS A 23 -4.18 11.22 9.79
C HIS A 23 -3.62 11.47 11.19
N HIS A 24 -2.44 10.91 11.43
CA HIS A 24 -1.82 11.02 12.74
C HIS A 24 -0.48 11.74 12.61
N ARG A 25 -0.38 12.86 13.30
CA ARG A 25 0.79 13.72 13.19
C ARG A 25 0.69 14.90 14.16
N TYR A 1 -8.91 17.65 2.29
CA TYR A 1 -7.53 17.21 2.17
C TYR A 1 -7.08 16.46 3.43
N MET A 2 -8.04 16.24 4.32
CA MET A 2 -7.76 15.52 5.55
C MET A 2 -7.97 14.02 5.37
N LEU A 3 -9.13 13.68 4.82
CA LEU A 3 -9.38 12.31 4.39
C LEU A 3 -8.15 11.77 3.65
N PHE A 4 -7.54 12.65 2.87
CA PHE A 4 -6.52 12.23 1.93
C PHE A 4 -5.31 11.64 2.65
N THR A 5 -5.13 12.06 3.89
CA THR A 5 -4.04 11.57 4.71
C THR A 5 -4.01 10.03 4.70
N MET A 6 -5.20 9.45 4.69
CA MET A 6 -5.33 8.02 4.83
C MET A 6 -4.64 7.29 3.67
N ILE A 7 -4.62 7.96 2.53
CA ILE A 7 -4.07 7.37 1.32
C ILE A 7 -2.60 6.99 1.58
N PHE A 8 -1.98 7.72 2.49
CA PHE A 8 -0.61 7.45 2.86
C PHE A 8 -0.44 6.01 3.35
N VAL A 9 -1.48 5.52 4.01
CA VAL A 9 -1.44 4.17 4.57
C VAL A 9 -1.96 3.19 3.53
N ILE A 10 -2.95 3.64 2.77
CA ILE A 10 -3.48 2.85 1.68
C ILE A 10 -2.33 2.44 0.75
N SER A 11 -1.49 3.41 0.45
CA SER A 11 -0.36 3.17 -0.44
C SER A 11 0.49 1.99 0.09
N SER A 12 0.59 1.94 1.41
CA SER A 12 1.51 1.00 2.04
C SER A 12 0.88 -0.39 2.11
N ILE A 13 -0.42 -0.40 2.32
CA ILE A 13 -1.17 -1.64 2.31
C ILE A 13 -1.00 -2.32 0.96
N ILE A 14 -1.25 -1.55 -0.09
CA ILE A 14 -1.19 -2.08 -1.45
C ILE A 14 0.23 -2.60 -1.72
N ILE A 15 1.19 -1.69 -1.56
CA ILE A 15 2.56 -1.99 -1.95
C ILE A 15 3.07 -3.19 -1.14
N THR A 16 2.61 -3.26 0.11
CA THR A 16 2.98 -4.37 0.97
C THR A 16 2.48 -5.69 0.39
N VAL A 17 1.22 -5.68 0.00
CA VAL A 17 0.60 -6.87 -0.57
C VAL A 17 1.27 -7.17 -1.93
N VAL A 18 1.77 -6.12 -2.55
CA VAL A 18 2.36 -6.24 -3.88
C VAL A 18 3.75 -6.87 -3.75
N VAL A 19 4.43 -6.51 -2.68
CA VAL A 19 5.71 -7.13 -2.36
C VAL A 19 5.48 -8.63 -2.10
N ILE A 20 4.59 -8.92 -1.17
CA ILE A 20 4.35 -10.29 -0.76
C ILE A 20 3.98 -11.12 -1.99
N ASN A 21 3.33 -10.46 -2.94
CA ASN A 21 2.89 -11.13 -4.15
C ASN A 21 4.10 -11.40 -5.05
N THR A 22 4.97 -10.40 -5.14
CA THR A 22 6.14 -10.50 -5.99
C THR A 22 7.14 -11.49 -5.40
N HIS A 23 7.03 -11.69 -4.10
CA HIS A 23 7.89 -12.63 -3.40
C HIS A 23 7.40 -14.05 -3.65
N HIS A 24 6.10 -14.16 -3.90
CA HIS A 24 5.47 -15.47 -4.03
C HIS A 24 5.29 -15.80 -5.51
N ARG A 25 6.38 -16.19 -6.14
CA ARG A 25 6.35 -16.56 -7.55
C ARG A 25 7.73 -17.03 -8.01
N TYR A 1 -16.68 9.33 -8.45
CA TYR A 1 -15.30 8.89 -8.57
C TYR A 1 -14.88 8.09 -7.34
N MET A 2 -15.54 8.37 -6.23
CA MET A 2 -15.21 7.70 -4.98
C MET A 2 -13.70 7.75 -4.70
N LEU A 3 -13.25 8.94 -4.31
CA LEU A 3 -11.90 9.07 -3.79
C LEU A 3 -11.60 7.90 -2.84
N PHE A 4 -12.62 7.50 -2.10
CA PHE A 4 -12.46 6.46 -1.10
C PHE A 4 -11.75 5.24 -1.69
N THR A 5 -12.15 4.89 -2.90
CA THR A 5 -11.68 3.66 -3.52
C THR A 5 -10.15 3.68 -3.63
N MET A 6 -9.62 4.87 -3.82
CA MET A 6 -8.19 5.03 -4.03
C MET A 6 -7.39 4.51 -2.85
N ILE A 7 -8.00 4.60 -1.67
CA ILE A 7 -7.34 4.21 -0.44
C ILE A 7 -6.91 2.74 -0.55
N PHE A 8 -7.64 2.01 -1.36
CA PHE A 8 -7.35 0.59 -1.57
C PHE A 8 -5.96 0.41 -2.19
N VAL A 9 -5.61 1.35 -3.05
CA VAL A 9 -4.33 1.29 -3.75
C VAL A 9 -3.24 1.89 -2.86
N ILE A 10 -3.62 2.92 -2.13
CA ILE A 10 -2.74 3.49 -1.12
C ILE A 10 -2.30 2.39 -0.15
N SER A 11 -3.28 1.60 0.27
CA SER A 11 -3.02 0.53 1.21
C SER A 11 -1.94 -0.39 0.66
N SER A 12 -1.98 -0.59 -0.65
CA SER A 12 -1.14 -1.59 -1.29
C SER A 12 0.27 -1.04 -1.49
N ILE A 13 0.32 0.25 -1.80
CA ILE A 13 1.60 0.93 -1.93
C ILE A 13 2.37 0.82 -0.61
N ILE A 14 1.70 1.20 0.46
CA ILE A 14 2.32 1.20 1.77
C ILE A 14 2.79 -0.21 2.13
N ILE A 15 1.83 -1.13 2.11
CA ILE A 15 2.09 -2.47 2.57
C ILE A 15 3.21 -3.11 1.73
N THR A 16 3.20 -2.76 0.45
CA THR A 16 4.22 -3.25 -0.47
C THR A 16 5.61 -2.78 -0.03
N VAL A 17 5.68 -1.48 0.27
CA VAL A 17 6.94 -0.90 0.70
C VAL A 17 7.31 -1.47 2.08
N VAL A 18 6.29 -1.87 2.82
CA VAL A 18 6.49 -2.36 4.18
C VAL A 18 7.04 -3.77 4.11
N VAL A 19 6.57 -4.53 3.13
CA VAL A 19 7.11 -5.84 2.86
C VAL A 19 8.59 -5.72 2.48
N ILE A 20 8.83 -4.92 1.46
CA ILE A 20 10.18 -4.77 0.94
C ILE A 20 11.13 -4.40 2.08
N ASN A 21 10.60 -3.62 3.01
CA ASN A 21 11.42 -3.08 4.08
C ASN A 21 11.80 -4.19 5.06
N THR A 22 10.79 -4.91 5.51
CA THR A 22 10.98 -5.89 6.56
C THR A 22 11.63 -7.15 5.98
N HIS A 23 11.54 -7.28 4.66
CA HIS A 23 12.20 -8.37 3.96
C HIS A 23 13.69 -8.08 3.85
N HIS A 24 14.01 -6.86 3.47
CA HIS A 24 15.38 -6.46 3.23
C HIS A 24 15.92 -5.70 4.45
N ARG A 25 15.74 -6.32 5.61
CA ARG A 25 16.36 -5.81 6.83
C ARG A 25 17.89 -5.83 6.68
N TYR A 1 3.55 5.60 -18.36
CA TYR A 1 4.93 5.17 -18.48
C TYR A 1 5.52 4.84 -17.10
N MET A 2 6.76 4.38 -17.12
CA MET A 2 7.47 4.09 -15.88
C MET A 2 6.70 3.10 -15.02
N LEU A 3 7.14 1.84 -15.08
CA LEU A 3 6.62 0.83 -14.20
C LEU A 3 6.50 1.40 -12.78
N PHE A 4 7.47 2.23 -12.43
CA PHE A 4 7.59 2.71 -11.07
C PHE A 4 6.29 3.35 -10.59
N THR A 5 5.56 3.90 -11.55
CA THR A 5 4.30 4.56 -11.24
C THR A 5 3.43 3.68 -10.35
N MET A 6 3.42 2.39 -10.68
CA MET A 6 2.51 1.46 -10.04
C MET A 6 2.79 1.37 -8.54
N ILE A 7 4.06 1.58 -8.19
CA ILE A 7 4.48 1.45 -6.81
C ILE A 7 3.67 2.41 -5.94
N PHE A 8 3.23 3.50 -6.57
CA PHE A 8 2.41 4.49 -5.88
C PHE A 8 1.16 3.86 -5.29
N VAL A 9 0.64 2.87 -6.01
CA VAL A 9 -0.58 2.20 -5.59
C VAL A 9 -0.22 1.02 -4.68
N ILE A 10 0.88 0.38 -5.02
CA ILE A 10 1.40 -0.71 -4.20
C ILE A 10 1.56 -0.21 -2.75
N SER A 11 2.12 0.98 -2.63
CA SER A 11 2.37 1.56 -1.33
C SER A 11 1.05 1.63 -0.53
N SER A 12 -0.02 1.90 -1.25
CA SER A 12 -1.30 2.19 -0.62
C SER A 12 -2.00 0.88 -0.24
N ILE A 13 -1.82 -0.12 -1.10
CA ILE A 13 -2.33 -1.45 -0.82
C ILE A 13 -1.74 -1.95 0.50
N ILE A 14 -0.41 -1.88 0.58
CA ILE A 14 0.29 -2.38 1.75
C ILE A 14 -0.18 -1.62 2.98
N ILE A 15 -0.03 -0.30 2.93
CA ILE A 15 -0.28 0.53 4.09
C ILE A 15 -1.73 0.36 4.54
N THR A 16 -2.60 0.19 3.55
CA THR A 16 -4.02 -0.04 3.83
C THR A 16 -4.21 -1.32 4.65
N VAL A 17 -3.56 -2.38 4.18
CA VAL A 17 -3.65 -3.66 4.86
C VAL A 17 -2.97 -3.56 6.23
N VAL A 18 -2.02 -2.65 6.31
CA VAL A 18 -1.23 -2.49 7.52
C VAL A 18 -2.07 -1.75 8.57
N VAL A 19 -2.86 -0.80 8.08
CA VAL A 19 -3.81 -0.11 8.94
C VAL A 19 -4.82 -1.13 9.50
N ILE A 20 -5.46 -1.84 8.57
CA ILE A 20 -6.51 -2.78 8.96
C ILE A 20 -5.95 -3.76 9.99
N ASN A 21 -4.67 -4.05 9.85
CA ASN A 21 -4.03 -5.06 10.69
C ASN A 21 -3.81 -4.47 12.09
N THR A 22 -3.19 -3.30 12.13
CA THR A 22 -2.76 -2.71 13.38
C THR A 22 -3.97 -2.14 14.13
N HIS A 23 -5.06 -2.00 13.41
CA HIS A 23 -6.31 -1.56 14.01
C HIS A 23 -6.95 -2.73 14.77
N HIS A 24 -6.55 -3.93 14.39
CA HIS A 24 -7.20 -5.13 14.89
C HIS A 24 -6.36 -5.74 16.02
N ARG A 25 -5.17 -6.20 15.64
CA ARG A 25 -4.37 -7.01 16.55
C ARG A 25 -4.07 -6.24 17.84
N TYR A 1 -1.13 14.18 13.01
CA TYR A 1 0.25 13.74 12.89
C TYR A 1 0.44 12.35 13.49
N MET A 2 -0.48 12.00 14.39
CA MET A 2 -0.41 10.72 15.06
C MET A 2 -0.96 9.60 14.17
N LEU A 3 -2.13 9.87 13.60
CA LEU A 3 -2.76 8.91 12.70
C LEU A 3 -1.74 8.44 11.67
N PHE A 4 -0.76 9.29 11.42
CA PHE A 4 -0.09 9.31 10.13
C PHE A 4 0.83 8.10 9.96
N THR A 5 1.26 7.57 11.09
CA THR A 5 2.08 6.36 11.08
C THR A 5 1.41 5.27 10.26
N MET A 6 0.08 5.24 10.34
CA MET A 6 -0.69 4.19 9.71
C MET A 6 -0.48 4.20 8.20
N ILE A 7 -0.22 5.39 7.67
CA ILE A 7 -0.07 5.55 6.24
C ILE A 7 1.07 4.66 5.74
N PHE A 8 2.00 4.38 6.65
CA PHE A 8 3.12 3.51 6.33
C PHE A 8 2.64 2.14 5.88
N VAL A 9 1.54 1.70 6.47
CA VAL A 9 0.98 0.40 6.15
C VAL A 9 0.02 0.53 4.97
N ILE A 10 -0.69 1.65 4.95
CA ILE A 10 -1.58 1.95 3.84
C ILE A 10 -0.78 1.89 2.53
N SER A 11 0.40 2.48 2.56
CA SER A 11 1.25 2.51 1.39
C SER A 11 1.49 1.08 0.88
N SER A 12 1.62 0.16 1.84
CA SER A 12 2.05 -1.18 1.51
C SER A 12 0.86 -2.01 1.01
N ILE A 13 -0.29 -1.72 1.58
CA ILE A 13 -1.53 -2.35 1.13
C ILE A 13 -1.75 -2.02 -0.34
N ILE A 14 -1.67 -0.74 -0.65
CA ILE A 14 -1.91 -0.28 -2.01
C ILE A 14 -0.90 -0.92 -2.95
N ILE A 15 0.37 -0.70 -2.64
CA ILE A 15 1.44 -1.11 -3.54
C ILE A 15 1.39 -2.63 -3.73
N THR A 16 1.00 -3.32 -2.67
CA THR A 16 0.87 -4.76 -2.73
C THR A 16 -0.20 -5.16 -3.74
N VAL A 17 -1.34 -4.50 -3.64
CA VAL A 17 -2.45 -4.77 -4.54
C VAL A 17 -2.06 -4.34 -5.95
N VAL A 18 -1.17 -3.37 -6.02
CA VAL A 18 -0.76 -2.81 -7.30
C VAL A 18 0.20 -3.78 -7.99
N VAL A 19 1.02 -4.43 -7.18
CA VAL A 19 1.89 -5.49 -7.68
C VAL A 19 1.03 -6.63 -8.24
N ILE A 20 0.14 -7.12 -7.39
CA ILE A 20 -0.69 -8.26 -7.75
C ILE A 20 -1.44 -7.95 -9.05
N ASN A 21 -1.76 -6.67 -9.21
CA ASN A 21 -2.53 -6.23 -10.36
C ASN A 21 -1.64 -6.23 -11.60
N THR A 22 -0.41 -5.77 -11.41
CA THR A 22 0.55 -5.71 -12.49
C THR A 22 0.89 -7.12 -12.96
N HIS A 23 0.87 -8.05 -12.03
CA HIS A 23 1.17 -9.44 -12.34
C HIS A 23 -0.05 -10.08 -13.02
N HIS A 24 -1.21 -9.78 -12.47
CA HIS A 24 -2.44 -10.42 -12.92
C HIS A 24 -3.18 -9.50 -13.89
N ARG A 25 -2.86 -9.66 -15.17
CA ARG A 25 -3.45 -8.81 -16.19
C ARG A 25 -2.98 -9.26 -17.58
N TYR A 1 -17.98 9.59 1.24
CA TYR A 1 -16.60 9.15 1.12
C TYR A 1 -16.42 8.18 -0.05
N MET A 2 -15.16 7.84 -0.31
CA MET A 2 -14.86 6.94 -1.41
C MET A 2 -14.84 5.48 -0.94
N LEU A 3 -15.06 4.58 -1.88
CA LEU A 3 -14.94 3.17 -1.60
C LEU A 3 -13.82 2.57 -2.46
N PHE A 4 -14.21 2.04 -3.61
CA PHE A 4 -13.31 1.25 -4.42
C PHE A 4 -12.04 2.04 -4.75
N THR A 5 -12.24 3.32 -5.05
CA THR A 5 -11.13 4.16 -5.48
C THR A 5 -10.03 4.18 -4.43
N MET A 6 -10.45 4.08 -3.18
CA MET A 6 -9.52 4.18 -2.06
C MET A 6 -8.46 3.07 -2.13
N ILE A 7 -8.88 1.95 -2.69
CA ILE A 7 -8.01 0.78 -2.77
C ILE A 7 -6.72 1.15 -3.52
N PHE A 8 -6.86 2.12 -4.42
CA PHE A 8 -5.73 2.61 -5.18
C PHE A 8 -4.60 3.09 -4.25
N VAL A 9 -5.02 3.67 -3.14
CA VAL A 9 -4.07 4.20 -2.18
C VAL A 9 -3.66 3.10 -1.19
N ILE A 10 -4.63 2.26 -0.88
CA ILE A 10 -4.36 1.10 -0.03
C ILE A 10 -3.22 0.29 -0.63
N SER A 11 -3.30 0.08 -1.93
CA SER A 11 -2.30 -0.72 -2.63
C SER A 11 -0.91 -0.14 -2.39
N SER A 12 -0.87 1.18 -2.23
CA SER A 12 0.39 1.89 -2.24
C SER A 12 0.96 1.96 -0.82
N ILE A 13 0.04 2.05 0.14
CA ILE A 13 0.42 1.95 1.54
C ILE A 13 1.11 0.60 1.77
N ILE A 14 0.44 -0.45 1.35
CA ILE A 14 0.96 -1.80 1.56
C ILE A 14 2.29 -1.94 0.85
N ILE A 15 2.28 -1.63 -0.45
CA ILE A 15 3.45 -1.85 -1.28
C ILE A 15 4.62 -1.04 -0.74
N THR A 16 4.31 0.13 -0.23
CA THR A 16 5.33 1.00 0.34
C THR A 16 5.99 0.34 1.54
N VAL A 17 5.13 -0.17 2.43
CA VAL A 17 5.61 -0.86 3.61
C VAL A 17 6.37 -2.13 3.19
N VAL A 18 5.97 -2.66 2.05
CA VAL A 18 6.53 -3.91 1.57
C VAL A 18 7.93 -3.66 1.00
N VAL A 19 8.07 -2.50 0.37
CA VAL A 19 9.38 -2.07 -0.10
C VAL A 19 10.32 -1.88 1.09
N ILE A 20 9.88 -1.06 2.03
CA ILE A 20 10.69 -0.74 3.20
C ILE A 20 11.12 -2.03 3.89
N ASN A 21 10.24 -3.03 3.80
CA ASN A 21 10.49 -4.30 4.45
C ASN A 21 11.54 -5.08 3.66
N THR A 22 11.42 -5.01 2.35
CA THR A 22 12.34 -5.70 1.46
C THR A 22 13.75 -5.13 1.62
N HIS A 23 13.81 -3.86 1.99
CA HIS A 23 15.09 -3.18 2.14
C HIS A 23 15.73 -3.59 3.47
N HIS A 24 14.92 -4.21 4.32
CA HIS A 24 15.40 -4.62 5.63
C HIS A 24 15.73 -6.12 5.61
N ARG A 25 14.97 -6.86 4.81
CA ARG A 25 15.24 -8.27 4.61
C ARG A 25 16.64 -8.46 4.00
N TYR A 1 16.09 -0.10 -0.53
CA TYR A 1 17.47 -0.54 -0.64
C TYR A 1 18.07 -0.84 0.73
N MET A 2 17.18 -1.11 1.68
CA MET A 2 17.61 -1.53 3.00
C MET A 2 16.60 -2.51 3.62
N LEU A 3 15.39 -2.00 3.84
CA LEU A 3 14.46 -2.67 4.72
C LEU A 3 13.34 -1.70 5.10
N PHE A 4 13.74 -0.64 5.80
CA PHE A 4 12.85 0.49 6.01
C PHE A 4 12.18 0.92 4.70
N THR A 5 12.99 0.92 3.65
CA THR A 5 12.52 1.37 2.34
C THR A 5 11.26 0.60 1.93
N MET A 6 11.22 -0.66 2.34
CA MET A 6 10.16 -1.55 1.91
C MET A 6 8.78 -1.02 2.34
N ILE A 7 8.79 -0.31 3.46
CA ILE A 7 7.55 0.19 4.04
C ILE A 7 6.82 1.06 3.02
N PHE A 8 7.61 1.67 2.14
CA PHE A 8 7.06 2.53 1.12
C PHE A 8 6.15 1.74 0.17
N VAL A 9 6.52 0.50 -0.06
CA VAL A 9 5.76 -0.37 -0.94
C VAL A 9 4.60 -0.99 -0.16
N ILE A 10 4.85 -1.22 1.12
CA ILE A 10 3.79 -1.64 2.01
C ILE A 10 2.65 -0.63 1.97
N SER A 11 3.03 0.64 2.08
CA SER A 11 2.05 1.71 2.07
C SER A 11 1.16 1.60 0.83
N SER A 12 1.75 1.12 -0.24
CA SER A 12 1.11 1.18 -1.55
C SER A 12 0.23 -0.04 -1.76
N ILE A 13 0.69 -1.17 -1.23
CA ILE A 13 -0.12 -2.38 -1.21
C ILE A 13 -1.43 -2.09 -0.47
N ILE A 14 -1.28 -1.54 0.73
CA ILE A 14 -2.44 -1.28 1.57
C ILE A 14 -3.37 -0.30 0.87
N ILE A 15 -2.83 0.86 0.55
CA ILE A 15 -3.64 1.95 0.02
C ILE A 15 -4.31 1.48 -1.27
N THR A 16 -3.60 0.66 -2.02
CA THR A 16 -4.14 0.11 -3.25
C THR A 16 -5.38 -0.73 -2.97
N VAL A 17 -5.23 -1.62 -2.00
CA VAL A 17 -6.35 -2.49 -1.61
C VAL A 17 -7.47 -1.64 -1.03
N VAL A 18 -7.08 -0.51 -0.46
CA VAL A 18 -8.03 0.35 0.23
C VAL A 18 -8.85 1.13 -0.80
N VAL A 19 -8.17 1.50 -1.89
CA VAL A 19 -8.85 2.11 -3.02
C VAL A 19 -9.87 1.12 -3.60
N ILE A 20 -9.37 -0.05 -3.95
CA ILE A 20 -10.21 -1.06 -4.58
C ILE A 20 -11.44 -1.31 -3.70
N ASN A 21 -11.24 -1.20 -2.41
CA ASN A 21 -12.28 -1.53 -1.45
C ASN A 21 -13.34 -0.42 -1.45
N THR A 22 -12.84 0.81 -1.33
CA THR A 22 -13.73 1.94 -1.10
C THR A 22 -14.42 2.34 -2.41
N HIS A 23 -13.82 1.92 -3.50
CA HIS A 23 -14.40 2.17 -4.82
C HIS A 23 -15.54 1.18 -5.08
N HIS A 24 -15.31 -0.06 -4.66
CA HIS A 24 -16.24 -1.13 -4.98
C HIS A 24 -17.15 -1.40 -3.77
N ARG A 25 -18.21 -0.61 -3.68
CA ARG A 25 -19.18 -0.78 -2.62
C ARG A 25 -20.33 0.21 -2.80
N TYR A 1 11.11 8.28 -12.78
CA TYR A 1 12.49 7.85 -12.90
C TYR A 1 13.04 7.39 -11.55
N MET A 2 12.65 8.12 -10.51
CA MET A 2 13.14 7.84 -9.17
C MET A 2 12.41 6.63 -8.57
N LEU A 3 12.99 5.47 -8.80
CA LEU A 3 12.35 4.23 -8.38
C LEU A 3 11.85 4.38 -6.95
N PHE A 4 12.71 4.95 -6.11
CA PHE A 4 12.47 4.95 -4.67
C PHE A 4 11.08 5.50 -4.34
N THR A 5 10.71 6.55 -5.05
CA THR A 5 9.49 7.27 -4.74
C THR A 5 8.28 6.33 -4.87
N MET A 6 8.41 5.38 -5.79
CA MET A 6 7.31 4.47 -6.07
C MET A 6 6.90 3.69 -4.82
N ILE A 7 7.89 3.47 -3.95
CA ILE A 7 7.67 2.66 -2.77
C ILE A 7 6.55 3.28 -1.93
N PHE A 8 6.42 4.60 -2.06
CA PHE A 8 5.39 5.32 -1.33
C PHE A 8 4.00 4.86 -1.75
N VAL A 9 3.88 4.52 -3.02
CA VAL A 9 2.60 4.10 -3.57
C VAL A 9 2.40 2.61 -3.26
N ILE A 10 3.50 1.88 -3.28
CA ILE A 10 3.50 0.50 -2.84
C ILE A 10 2.96 0.43 -1.42
N SER A 11 3.46 1.31 -0.57
CA SER A 11 3.05 1.33 0.83
C SER A 11 1.53 1.46 0.92
N SER A 12 0.97 2.16 -0.06
CA SER A 12 -0.42 2.57 0.02
C SER A 12 -1.33 1.47 -0.55
N ILE A 13 -0.82 0.81 -1.58
CA ILE A 13 -1.49 -0.36 -2.11
C ILE A 13 -1.66 -1.40 -0.99
N ILE A 14 -0.54 -1.70 -0.33
CA ILE A 14 -0.53 -2.72 0.70
C ILE A 14 -1.49 -2.31 1.82
N ILE A 15 -1.22 -1.14 2.39
CA ILE A 15 -1.94 -0.70 3.58
C ILE A 15 -3.43 -0.62 3.25
N THR A 16 -3.72 -0.24 2.02
CA THR A 16 -5.10 -0.15 1.56
C THR A 16 -5.76 -1.52 1.62
N VAL A 17 -5.07 -2.50 1.06
CA VAL A 17 -5.58 -3.87 1.05
C VAL A 17 -5.66 -4.39 2.49
N VAL A 18 -4.79 -3.85 3.32
CA VAL A 18 -4.69 -4.31 4.70
C VAL A 18 -5.87 -3.76 5.50
N VAL A 19 -6.26 -2.54 5.16
CA VAL A 19 -7.45 -1.95 5.74
C VAL A 19 -8.67 -2.79 5.34
N ILE A 20 -8.83 -2.97 4.03
CA ILE A 20 -9.99 -3.67 3.52
C ILE A 20 -10.08 -5.06 4.16
N ASN A 21 -8.91 -5.60 4.47
CA ASN A 21 -8.85 -6.94 5.04
C ASN A 21 -9.29 -6.89 6.50
N THR A 22 -8.85 -5.84 7.19
CA THR A 22 -9.18 -5.67 8.59
C THR A 22 -10.66 -5.36 8.75
N HIS A 23 -11.21 -4.71 7.74
CA HIS A 23 -12.62 -4.35 7.74
C HIS A 23 -13.46 -5.59 7.43
N HIS A 24 -13.01 -6.33 6.44
CA HIS A 24 -13.70 -7.55 6.04
C HIS A 24 -12.98 -8.77 6.63
N ARG A 25 -12.72 -8.67 7.92
CA ARG A 25 -12.08 -9.77 8.64
C ARG A 25 -12.95 -11.03 8.57
N TYR A 1 -16.68 9.33 -8.45
CA TYR A 1 -15.30 8.89 -8.57
C TYR A 1 -14.88 8.09 -7.34
N MET A 2 -15.54 8.37 -6.23
CA MET A 2 -15.21 7.70 -4.98
C MET A 2 -13.70 7.75 -4.70
N LEU A 3 -13.25 8.94 -4.31
CA LEU A 3 -11.90 9.07 -3.79
C LEU A 3 -11.60 7.90 -2.84
N PHE A 4 -12.62 7.50 -2.10
CA PHE A 4 -12.46 6.46 -1.10
C PHE A 4 -11.75 5.24 -1.69
N THR A 5 -12.15 4.89 -2.90
CA THR A 5 -11.68 3.66 -3.52
C THR A 5 -10.15 3.68 -3.63
N MET A 6 -9.62 4.87 -3.82
CA MET A 6 -8.19 5.03 -4.03
C MET A 6 -7.39 4.51 -2.85
N ILE A 7 -8.00 4.60 -1.67
CA ILE A 7 -7.34 4.21 -0.44
C ILE A 7 -6.91 2.74 -0.55
N PHE A 8 -7.64 2.01 -1.36
CA PHE A 8 -7.35 0.59 -1.57
C PHE A 8 -5.96 0.41 -2.19
N VAL A 9 -5.61 1.35 -3.05
CA VAL A 9 -4.33 1.29 -3.75
C VAL A 9 -3.24 1.89 -2.86
N ILE A 10 -3.62 2.92 -2.13
CA ILE A 10 -2.74 3.49 -1.12
C ILE A 10 -2.30 2.39 -0.15
N SER A 11 -3.28 1.60 0.27
CA SER A 11 -3.02 0.53 1.21
C SER A 11 -1.94 -0.39 0.66
N SER A 12 -1.98 -0.59 -0.65
CA SER A 12 -1.14 -1.59 -1.29
C SER A 12 0.27 -1.04 -1.49
N ILE A 13 0.32 0.25 -1.80
CA ILE A 13 1.60 0.93 -1.93
C ILE A 13 2.37 0.82 -0.61
N ILE A 14 1.70 1.20 0.46
CA ILE A 14 2.32 1.20 1.77
C ILE A 14 2.79 -0.21 2.13
N ILE A 15 1.83 -1.13 2.11
CA ILE A 15 2.09 -2.47 2.57
C ILE A 15 3.21 -3.11 1.73
N THR A 16 3.20 -2.76 0.45
CA THR A 16 4.22 -3.25 -0.47
C THR A 16 5.61 -2.78 -0.03
N VAL A 17 5.68 -1.48 0.27
CA VAL A 17 6.94 -0.90 0.70
C VAL A 17 7.31 -1.47 2.08
N VAL A 18 6.29 -1.87 2.82
CA VAL A 18 6.49 -2.36 4.18
C VAL A 18 7.04 -3.77 4.11
N VAL A 19 6.57 -4.53 3.13
CA VAL A 19 7.11 -5.84 2.86
C VAL A 19 8.59 -5.72 2.48
N ILE A 20 8.83 -4.92 1.46
CA ILE A 20 10.18 -4.77 0.94
C ILE A 20 11.13 -4.40 2.08
N ASN A 21 10.60 -3.62 3.01
CA ASN A 21 11.42 -3.08 4.08
C ASN A 21 11.80 -4.19 5.06
N THR A 22 10.79 -4.91 5.51
CA THR A 22 10.98 -5.89 6.56
C THR A 22 11.63 -7.15 5.98
N HIS A 23 11.54 -7.28 4.66
CA HIS A 23 12.20 -8.37 3.96
C HIS A 23 13.69 -8.08 3.85
N HIS A 24 14.01 -6.86 3.47
CA HIS A 24 15.38 -6.46 3.23
C HIS A 24 15.92 -5.70 4.45
N ARG A 25 15.74 -6.32 5.61
CA ARG A 25 16.36 -5.81 6.83
C ARG A 25 17.89 -5.83 6.68
N TYR A 1 3.55 5.60 -18.36
CA TYR A 1 4.93 5.17 -18.48
C TYR A 1 5.52 4.84 -17.10
N MET A 2 6.76 4.38 -17.12
CA MET A 2 7.47 4.09 -15.88
C MET A 2 6.70 3.10 -15.02
N LEU A 3 7.14 1.84 -15.08
CA LEU A 3 6.62 0.83 -14.20
C LEU A 3 6.50 1.40 -12.78
N PHE A 4 7.47 2.23 -12.43
CA PHE A 4 7.59 2.71 -11.07
C PHE A 4 6.29 3.35 -10.59
N THR A 5 5.56 3.90 -11.55
CA THR A 5 4.30 4.56 -11.24
C THR A 5 3.43 3.68 -10.35
N MET A 6 3.42 2.39 -10.68
CA MET A 6 2.51 1.46 -10.04
C MET A 6 2.79 1.37 -8.54
N ILE A 7 4.06 1.58 -8.19
CA ILE A 7 4.48 1.45 -6.81
C ILE A 7 3.67 2.41 -5.94
N PHE A 8 3.23 3.50 -6.57
CA PHE A 8 2.41 4.49 -5.88
C PHE A 8 1.16 3.86 -5.29
N VAL A 9 0.64 2.87 -6.01
CA VAL A 9 -0.58 2.20 -5.59
C VAL A 9 -0.22 1.02 -4.68
N ILE A 10 0.88 0.38 -5.02
CA ILE A 10 1.40 -0.71 -4.20
C ILE A 10 1.56 -0.21 -2.75
N SER A 11 2.12 0.98 -2.63
CA SER A 11 2.37 1.56 -1.33
C SER A 11 1.05 1.63 -0.53
N SER A 12 -0.02 1.90 -1.25
CA SER A 12 -1.30 2.19 -0.62
C SER A 12 -2.00 0.88 -0.24
N ILE A 13 -1.82 -0.12 -1.10
CA ILE A 13 -2.33 -1.45 -0.82
C ILE A 13 -1.74 -1.95 0.50
N ILE A 14 -0.41 -1.88 0.58
CA ILE A 14 0.29 -2.38 1.75
C ILE A 14 -0.18 -1.62 2.98
N ILE A 15 -0.03 -0.30 2.93
CA ILE A 15 -0.28 0.53 4.09
C ILE A 15 -1.73 0.36 4.54
N THR A 16 -2.60 0.19 3.55
CA THR A 16 -4.02 -0.04 3.83
C THR A 16 -4.21 -1.32 4.65
N VAL A 17 -3.56 -2.38 4.18
CA VAL A 17 -3.65 -3.66 4.86
C VAL A 17 -2.97 -3.56 6.23
N VAL A 18 -2.02 -2.65 6.31
CA VAL A 18 -1.23 -2.49 7.52
C VAL A 18 -2.07 -1.75 8.57
N VAL A 19 -2.86 -0.80 8.08
CA VAL A 19 -3.81 -0.11 8.94
C VAL A 19 -4.82 -1.13 9.50
N ILE A 20 -5.46 -1.84 8.57
CA ILE A 20 -6.51 -2.78 8.96
C ILE A 20 -5.95 -3.76 9.99
N ASN A 21 -4.67 -4.05 9.85
CA ASN A 21 -4.03 -5.06 10.69
C ASN A 21 -3.81 -4.47 12.09
N THR A 22 -3.19 -3.30 12.13
CA THR A 22 -2.76 -2.71 13.38
C THR A 22 -3.97 -2.14 14.13
N HIS A 23 -5.06 -2.00 13.41
CA HIS A 23 -6.31 -1.56 14.01
C HIS A 23 -6.95 -2.73 14.77
N HIS A 24 -6.55 -3.93 14.39
CA HIS A 24 -7.20 -5.13 14.89
C HIS A 24 -6.36 -5.74 16.02
N ARG A 25 -5.17 -6.20 15.64
CA ARG A 25 -4.37 -7.01 16.55
C ARG A 25 -4.07 -6.24 17.84
N TYR A 1 -1.13 14.18 13.01
CA TYR A 1 0.25 13.74 12.89
C TYR A 1 0.44 12.35 13.49
N MET A 2 -0.48 12.00 14.39
CA MET A 2 -0.41 10.72 15.06
C MET A 2 -0.96 9.60 14.17
N LEU A 3 -2.13 9.87 13.60
CA LEU A 3 -2.76 8.91 12.70
C LEU A 3 -1.74 8.44 11.67
N PHE A 4 -0.76 9.29 11.42
CA PHE A 4 -0.09 9.31 10.13
C PHE A 4 0.83 8.10 9.96
N THR A 5 1.26 7.57 11.09
CA THR A 5 2.08 6.36 11.08
C THR A 5 1.41 5.27 10.26
N MET A 6 0.08 5.24 10.34
CA MET A 6 -0.69 4.19 9.71
C MET A 6 -0.48 4.20 8.20
N ILE A 7 -0.22 5.39 7.67
CA ILE A 7 -0.07 5.55 6.24
C ILE A 7 1.07 4.66 5.74
N PHE A 8 2.00 4.38 6.65
CA PHE A 8 3.12 3.51 6.33
C PHE A 8 2.64 2.14 5.88
N VAL A 9 1.54 1.70 6.47
CA VAL A 9 0.98 0.40 6.15
C VAL A 9 0.02 0.53 4.97
N ILE A 10 -0.69 1.65 4.95
CA ILE A 10 -1.58 1.95 3.84
C ILE A 10 -0.78 1.89 2.53
N SER A 11 0.40 2.48 2.56
CA SER A 11 1.25 2.51 1.39
C SER A 11 1.49 1.08 0.88
N SER A 12 1.62 0.16 1.84
CA SER A 12 2.05 -1.18 1.51
C SER A 12 0.86 -2.01 1.01
N ILE A 13 -0.29 -1.72 1.58
CA ILE A 13 -1.53 -2.35 1.13
C ILE A 13 -1.75 -2.02 -0.34
N ILE A 14 -1.67 -0.74 -0.65
CA ILE A 14 -1.91 -0.28 -2.01
C ILE A 14 -0.90 -0.92 -2.95
N ILE A 15 0.37 -0.70 -2.64
CA ILE A 15 1.44 -1.11 -3.54
C ILE A 15 1.39 -2.63 -3.73
N THR A 16 1.00 -3.32 -2.67
CA THR A 16 0.87 -4.76 -2.73
C THR A 16 -0.20 -5.16 -3.74
N VAL A 17 -1.34 -4.50 -3.64
CA VAL A 17 -2.45 -4.77 -4.54
C VAL A 17 -2.06 -4.34 -5.95
N VAL A 18 -1.17 -3.37 -6.02
CA VAL A 18 -0.76 -2.81 -7.30
C VAL A 18 0.20 -3.78 -7.99
N VAL A 19 1.02 -4.43 -7.18
CA VAL A 19 1.89 -5.49 -7.68
C VAL A 19 1.03 -6.63 -8.24
N ILE A 20 0.14 -7.12 -7.39
CA ILE A 20 -0.69 -8.26 -7.75
C ILE A 20 -1.44 -7.95 -9.05
N ASN A 21 -1.76 -6.67 -9.21
CA ASN A 21 -2.53 -6.23 -10.36
C ASN A 21 -1.64 -6.23 -11.60
N THR A 22 -0.41 -5.77 -11.41
CA THR A 22 0.55 -5.71 -12.49
C THR A 22 0.89 -7.12 -12.96
N HIS A 23 0.87 -8.05 -12.03
CA HIS A 23 1.17 -9.44 -12.34
C HIS A 23 -0.05 -10.08 -13.02
N HIS A 24 -1.21 -9.78 -12.47
CA HIS A 24 -2.44 -10.42 -12.92
C HIS A 24 -3.18 -9.50 -13.89
N ARG A 25 -2.86 -9.66 -15.17
CA ARG A 25 -3.45 -8.81 -16.19
C ARG A 25 -2.98 -9.26 -17.58
#